data_4E52
#
_entry.id   4E52
#
_cell.length_a   55.350
_cell.length_b   107.990
_cell.length_c   55.650
_cell.angle_alpha   90.000
_cell.angle_beta   92.140
_cell.angle_gamma   90.000
#
_symmetry.space_group_name_H-M   'P 1 21 1'
#
loop_
_entity.id
_entity.type
_entity.pdbx_description
1 polymer 'Pulmonary surfactant-associated protein D'
2 branched '4,7-anhydro-3-deoxy-D-manno-oct-2-ulosonic acid-(5-1)-L-glycero-alpha-D-manno-heptopyranose'
3 non-polymer 'CALCIUM ION'
4 water water
#
_entity_poly.entity_id   1
_entity_poly.type   'polypeptide(L)'
_entity_poly.pdbx_seq_one_letter_code
;GSPGLKGDKGIPGDKGAKGESGLPDVASLRQQVEALQGQVQHLQAAFSQYKKVELFPNGQSVGEKIFKTAGFVKPFTEAQ
LLCTQAGGQLASPRSAAENAALQQLVVAKNEAAFLSMTDSKTEGKFTYPTGESLVYSNWAPGEPNDDGGSEDCVEIFTNG
KWNDRACGEKRLVVCEF
;
_entity_poly.pdbx_strand_id   A,B,C
#
# COMPACT_ATOMS: atom_id res chain seq x y z
N VAL A 26 4.96 17.73 40.28
CA VAL A 26 3.84 16.78 40.57
C VAL A 26 2.58 17.21 39.81
N ALA A 27 2.15 18.44 40.06
CA ALA A 27 0.96 18.96 39.40
C ALA A 27 1.27 19.20 37.93
N SER A 28 2.49 19.65 37.65
CA SER A 28 2.92 19.91 36.28
C SER A 28 3.11 18.58 35.55
N LEU A 29 3.50 17.56 36.30
CA LEU A 29 3.72 16.24 35.73
C LEU A 29 2.37 15.63 35.32
N ARG A 30 1.33 15.92 36.10
CA ARG A 30 -0.01 15.41 35.82
C ARG A 30 -0.50 15.91 34.46
N GLN A 31 -0.47 17.22 34.27
CA GLN A 31 -0.92 17.82 33.02
C GLN A 31 -0.01 17.37 31.87
N GLN A 32 1.24 17.08 32.19
CA GLN A 32 2.19 16.63 31.19
C GLN A 32 1.79 15.23 30.73
N VAL A 33 1.33 14.41 31.66
CA VAL A 33 0.89 13.05 31.36
C VAL A 33 -0.43 13.10 30.62
N GLU A 34 -1.33 13.97 31.08
CA GLU A 34 -2.63 14.14 30.47
C GLU A 34 -2.46 14.52 29.00
N ALA A 35 -1.57 15.47 28.75
CA ALA A 35 -1.30 15.96 27.40
C ALA A 35 -0.72 14.86 26.52
N LEU A 36 0.36 14.24 27.00
CA LEU A 36 1.03 13.20 26.25
C LEU A 36 0.09 12.06 25.87
N GLN A 37 -0.84 11.73 26.75
CA GLN A 37 -1.78 10.65 26.46
C GLN A 37 -2.81 11.06 25.42
N GLY A 38 -3.12 12.34 25.35
CA GLY A 38 -4.05 12.81 24.35
C GLY A 38 -3.39 12.63 23.00
N GLN A 39 -2.09 12.96 22.95
CA GLN A 39 -1.32 12.82 21.72
C GLN A 39 -1.20 11.36 21.31
N VAL A 40 -0.98 10.50 22.29
CA VAL A 40 -0.86 9.07 22.01
C VAL A 40 -2.16 8.48 21.53
N GLN A 41 -3.27 8.89 22.12
CA GLN A 41 -4.55 8.35 21.69
C GLN A 41 -4.91 8.88 20.30
N HIS A 42 -4.48 10.10 20.00
CA HIS A 42 -4.74 10.65 18.67
C HIS A 42 -3.88 9.87 17.68
N LEU A 43 -2.68 9.48 18.12
CA LEU A 43 -1.78 8.71 17.27
C LEU A 43 -2.37 7.31 17.06
N GLN A 44 -2.96 6.75 18.10
CA GLN A 44 -3.58 5.42 18.02
C GLN A 44 -4.71 5.43 16.98
N ALA A 45 -5.50 6.49 16.99
CA ALA A 45 -6.61 6.61 16.07
C ALA A 45 -6.13 6.75 14.63
N ALA A 46 -5.12 7.60 14.44
CA ALA A 46 -4.57 7.83 13.11
C ALA A 46 -3.95 6.56 12.57
N PHE A 47 -3.17 5.90 13.41
CA PHE A 47 -2.52 4.66 13.01
C PHE A 47 -3.54 3.61 12.62
N SER A 48 -4.58 3.46 13.44
CA SER A 48 -5.63 2.48 13.17
C SER A 48 -6.28 2.72 11.81
N GLN A 49 -6.52 4.00 11.50
CA GLN A 49 -7.14 4.35 10.22
C GLN A 49 -6.19 4.01 9.08
N TYR A 50 -4.93 4.40 9.20
CA TYR A 50 -3.96 4.12 8.15
C TYR A 50 -3.71 2.62 7.97
N LYS A 51 -3.89 1.84 9.03
CA LYS A 51 -3.68 0.40 8.90
C LYS A 51 -4.79 -0.20 8.01
N LYS A 52 -6.03 0.25 8.21
CA LYS A 52 -7.14 -0.26 7.40
C LYS A 52 -6.89 0.11 5.93
N VAL A 53 -6.43 1.33 5.70
CA VAL A 53 -6.13 1.80 4.36
C VAL A 53 -5.04 0.94 3.72
N GLU A 54 -4.02 0.65 4.52
CA GLU A 54 -2.88 -0.16 4.06
C GLU A 54 -3.28 -1.54 3.57
N LEU A 55 -4.18 -2.18 4.29
CA LEU A 55 -4.62 -3.53 3.94
C LEU A 55 -5.57 -3.65 2.76
N PHE A 56 -6.12 -2.53 2.32
CA PHE A 56 -7.04 -2.55 1.18
C PHE A 56 -6.26 -2.24 -0.10
N PRO A 57 -6.33 -3.14 -1.11
CA PRO A 57 -7.08 -4.39 -1.16
C PRO A 57 -6.18 -5.63 -1.17
N ASN A 58 -4.89 -5.46 -0.91
CA ASN A 58 -3.97 -6.60 -0.98
C ASN A 58 -3.54 -7.24 0.33
N GLY A 59 -4.18 -6.87 1.44
CA GLY A 59 -3.80 -7.45 2.70
C GLY A 59 -4.99 -7.94 3.52
N GLN A 60 -4.69 -8.76 4.52
CA GLN A 60 -5.71 -9.31 5.42
C GLN A 60 -5.09 -9.48 6.80
N SER A 61 -5.80 -9.01 7.83
CA SER A 61 -5.29 -9.15 9.17
C SER A 61 -6.12 -10.21 9.87
N VAL A 62 -5.46 -11.02 10.68
CA VAL A 62 -6.11 -12.08 11.44
C VAL A 62 -5.28 -12.25 12.71
N GLY A 63 -5.87 -11.90 13.84
CA GLY A 63 -5.13 -11.98 15.09
C GLY A 63 -4.02 -10.95 15.00
N GLU A 64 -2.81 -11.33 15.40
CA GLU A 64 -1.68 -10.40 15.34
C GLU A 64 -0.91 -10.59 14.05
N LYS A 65 -1.43 -11.42 13.15
CA LYS A 65 -0.78 -11.69 11.89
C LYS A 65 -1.35 -10.89 10.74
N ILE A 66 -0.50 -10.54 9.78
CA ILE A 66 -0.92 -9.79 8.61
C ILE A 66 -0.41 -10.48 7.34
N PHE A 67 -1.33 -10.80 6.43
CA PHE A 67 -0.96 -11.41 5.16
C PHE A 67 -1.02 -10.29 4.12
N LYS A 68 -0.06 -10.27 3.20
CA LYS A 68 -0.09 -9.27 2.13
C LYS A 68 0.46 -9.90 0.88
N THR A 69 -0.25 -9.74 -0.23
CA THR A 69 0.21 -10.31 -1.49
C THR A 69 0.96 -9.27 -2.31
N ALA A 70 1.96 -9.73 -3.05
CA ALA A 70 2.76 -8.87 -3.91
C ALA A 70 1.98 -8.60 -5.20
N GLY A 71 0.95 -9.42 -5.45
CA GLY A 71 0.13 -9.24 -6.64
C GLY A 71 0.63 -9.93 -7.91
N PHE A 72 1.73 -10.66 -7.80
CA PHE A 72 2.27 -11.37 -8.95
C PHE A 72 2.74 -12.76 -8.55
N VAL A 73 3.07 -13.59 -9.54
CA VAL A 73 3.51 -14.95 -9.28
C VAL A 73 5.02 -15.14 -9.44
N LYS A 74 5.57 -16.09 -8.70
CA LYS A 74 6.99 -16.39 -8.73
C LYS A 74 7.22 -17.84 -8.31
N PRO A 75 8.38 -18.41 -8.64
CA PRO A 75 8.69 -19.80 -8.26
C PRO A 75 8.94 -19.74 -6.76
N PHE A 76 8.85 -20.88 -6.07
CA PHE A 76 9.04 -20.91 -4.62
C PHE A 76 10.27 -20.19 -4.06
N THR A 77 11.46 -20.57 -4.54
CA THR A 77 12.69 -19.97 -4.02
C THR A 77 12.69 -18.44 -4.11
N GLU A 78 12.22 -17.91 -5.23
CA GLU A 78 12.16 -16.47 -5.42
C GLU A 78 11.09 -15.83 -4.53
N ALA A 79 9.97 -16.52 -4.37
CA ALA A 79 8.89 -16.01 -3.53
C ALA A 79 9.37 -15.96 -2.08
N GLN A 80 10.02 -17.04 -1.64
CA GLN A 80 10.54 -17.13 -0.30
C GLN A 80 11.55 -16.03 -0.02
N LEU A 81 12.41 -15.76 -0.99
CA LEU A 81 13.44 -14.73 -0.82
C LEU A 81 12.78 -13.35 -0.70
N LEU A 82 11.72 -13.11 -1.48
CA LEU A 82 11.04 -11.81 -1.42
C LEU A 82 10.48 -11.57 -0.02
N CYS A 83 9.86 -12.58 0.56
CA CYS A 83 9.29 -12.42 1.88
C CYS A 83 10.36 -12.27 2.95
N THR A 84 11.40 -13.09 2.91
CA THR A 84 12.44 -12.99 3.91
C THR A 84 13.15 -11.64 3.84
N GLN A 85 13.45 -11.17 2.64
CA GLN A 85 14.10 -9.86 2.48
C GLN A 85 13.21 -8.73 2.98
N ALA A 86 11.90 -8.96 2.97
CA ALA A 86 10.94 -7.95 3.42
C ALA A 86 10.74 -8.01 4.93
N GLY A 87 11.39 -8.96 5.59
CA GLY A 87 11.26 -9.08 7.04
C GLY A 87 10.14 -9.98 7.51
N GLY A 88 9.61 -10.78 6.60
CA GLY A 88 8.55 -11.69 6.97
C GLY A 88 8.87 -13.06 6.43
N GLN A 89 7.84 -13.81 6.07
CA GLN A 89 8.03 -15.14 5.51
C GLN A 89 6.80 -15.48 4.69
N LEU A 90 6.89 -16.55 3.90
CA LEU A 90 5.76 -16.94 3.09
C LEU A 90 4.58 -17.28 4.00
N ALA A 91 3.37 -17.10 3.46
CA ALA A 91 2.14 -17.36 4.21
C ALA A 91 2.22 -18.71 4.91
N SER A 92 1.95 -18.71 6.20
CA SER A 92 2.02 -19.92 7.00
C SER A 92 0.78 -20.03 7.90
N PRO A 93 -0.38 -20.35 7.32
CA PRO A 93 -1.60 -20.46 8.13
C PRO A 93 -1.48 -21.56 9.18
N ARG A 94 -1.72 -21.19 10.43
CA ARG A 94 -1.61 -22.13 11.54
C ARG A 94 -2.96 -22.45 12.18
N SER A 95 -4.03 -22.03 11.54
CA SER A 95 -5.37 -22.30 12.06
C SER A 95 -6.40 -22.10 10.95
N ALA A 96 -7.62 -22.55 11.20
CA ALA A 96 -8.69 -22.42 10.22
C ALA A 96 -8.94 -20.95 9.94
N ALA A 97 -8.87 -20.13 10.99
CA ALA A 97 -9.10 -18.69 10.86
C ALA A 97 -8.04 -18.04 9.96
N GLU A 98 -6.78 -18.39 10.18
CA GLU A 98 -5.72 -17.83 9.35
C GLU A 98 -5.85 -18.31 7.91
N ASN A 99 -6.22 -19.58 7.74
CA ASN A 99 -6.37 -20.12 6.40
C ASN A 99 -7.48 -19.39 5.64
N ALA A 100 -8.55 -19.08 6.35
CA ALA A 100 -9.70 -18.39 5.76
C ALA A 100 -9.30 -16.98 5.32
N ALA A 101 -8.49 -16.31 6.13
CA ALA A 101 -8.03 -14.96 5.82
C ALA A 101 -7.16 -14.98 4.57
N LEU A 102 -6.24 -15.94 4.51
CA LEU A 102 -5.35 -16.08 3.36
C LEU A 102 -6.19 -16.40 2.12
N GLN A 103 -7.19 -17.24 2.31
CA GLN A 103 -8.06 -17.64 1.21
C GLN A 103 -8.73 -16.44 0.55
N GLN A 104 -9.01 -15.42 1.35
CA GLN A 104 -9.64 -14.21 0.82
C GLN A 104 -8.76 -13.54 -0.23
N LEU A 105 -7.45 -13.47 0.03
CA LEU A 105 -6.53 -12.86 -0.91
C LEU A 105 -6.40 -13.71 -2.17
N VAL A 106 -6.35 -15.02 -1.98
CA VAL A 106 -6.22 -15.94 -3.10
C VAL A 106 -7.45 -15.83 -4.01
N VAL A 107 -8.62 -15.74 -3.41
CA VAL A 107 -9.87 -15.60 -4.16
C VAL A 107 -9.89 -14.25 -4.88
N ALA A 108 -9.52 -13.18 -4.17
CA ALA A 108 -9.52 -11.84 -4.74
C ALA A 108 -8.61 -11.76 -5.98
N LYS A 109 -7.45 -12.40 -5.91
CA LYS A 109 -6.50 -12.40 -7.02
C LYS A 109 -6.79 -13.52 -8.00
N ASN A 110 -7.63 -14.47 -7.59
CA ASN A 110 -7.97 -15.61 -8.41
C ASN A 110 -6.70 -16.32 -8.88
N GLU A 111 -5.76 -16.49 -7.96
CA GLU A 111 -4.48 -17.14 -8.24
C GLU A 111 -4.02 -17.94 -7.03
N ALA A 112 -3.82 -19.25 -7.20
CA ALA A 112 -3.35 -20.09 -6.10
C ALA A 112 -2.01 -19.53 -5.63
N ALA A 113 -1.77 -19.62 -4.32
CA ALA A 113 -0.55 -19.08 -3.73
C ALA A 113 0.30 -20.15 -3.04
N PHE A 114 1.59 -19.87 -2.91
CA PHE A 114 2.52 -20.78 -2.23
C PHE A 114 2.43 -20.53 -0.74
N LEU A 115 2.62 -21.59 0.05
CA LEU A 115 2.67 -21.47 1.50
C LEU A 115 4.17 -21.62 1.80
N SER A 116 4.57 -21.42 3.04
CA SER A 116 6.00 -21.50 3.38
C SER A 116 6.54 -22.90 3.59
N MET A 117 5.65 -23.83 3.90
CA MET A 117 6.02 -25.20 4.23
C MET A 117 6.50 -26.11 3.10
N THR A 118 7.48 -26.96 3.41
CA THR A 118 8.04 -27.90 2.44
C THR A 118 8.41 -29.20 3.14
N ASP A 119 8.53 -30.27 2.37
CA ASP A 119 8.95 -31.56 2.92
C ASP A 119 10.23 -31.97 2.20
N SER A 120 11.06 -30.97 1.91
CA SER A 120 12.34 -31.18 1.23
C SER A 120 13.35 -31.97 2.06
N LYS A 121 13.35 -31.75 3.37
CA LYS A 121 14.29 -32.44 4.26
C LYS A 121 13.91 -33.91 4.43
N THR A 122 12.65 -34.16 4.76
CA THR A 122 12.15 -35.52 4.95
C THR A 122 10.86 -35.67 4.17
N GLU A 123 10.91 -36.39 3.05
CA GLU A 123 9.73 -36.58 2.22
C GLU A 123 8.52 -37.05 3.01
N GLY A 124 7.39 -36.38 2.81
CA GLY A 124 6.17 -36.75 3.51
C GLY A 124 5.94 -35.96 4.78
N LYS A 125 6.99 -35.34 5.30
CA LYS A 125 6.89 -34.56 6.54
C LYS A 125 7.05 -33.06 6.26
N PHE A 126 5.93 -32.36 6.16
CA PHE A 126 5.99 -30.92 5.89
C PHE A 126 6.29 -30.11 7.15
N THR A 127 7.17 -29.13 7.01
CA THR A 127 7.57 -28.28 8.12
C THR A 127 7.61 -26.81 7.74
N TYR A 128 7.59 -25.96 8.76
CA TYR A 128 7.68 -24.51 8.56
C TYR A 128 9.17 -24.22 8.36
N PRO A 129 9.51 -22.99 7.94
CA PRO A 129 10.92 -22.62 7.73
C PRO A 129 11.82 -22.92 8.92
N THR A 130 11.25 -22.93 10.12
CA THR A 130 12.00 -23.20 11.35
C THR A 130 12.34 -24.68 11.55
N GLY A 131 11.59 -25.55 10.88
CA GLY A 131 11.85 -26.98 11.04
C GLY A 131 10.74 -27.64 11.83
N GLU A 132 9.90 -26.83 12.47
CA GLU A 132 8.77 -27.31 13.26
C GLU A 132 7.73 -27.99 12.36
N SER A 133 7.13 -29.07 12.86
CA SER A 133 6.11 -29.80 12.12
C SER A 133 4.78 -29.05 12.13
N LEU A 134 3.97 -29.26 11.09
CA LEU A 134 2.67 -28.60 10.97
C LEU A 134 1.77 -28.76 12.18
N VAL A 135 1.11 -27.67 12.58
CA VAL A 135 0.19 -27.71 13.71
C VAL A 135 -1.23 -27.56 13.16
N TYR A 136 -1.32 -27.44 11.83
CA TYR A 136 -2.60 -27.30 11.13
C TYR A 136 -2.37 -27.62 9.67
N SER A 137 -3.38 -28.21 9.02
CA SER A 137 -3.30 -28.52 7.60
C SER A 137 -4.71 -28.55 7.04
N ASN A 138 -4.83 -28.32 5.73
CA ASN A 138 -6.12 -28.30 5.07
C ASN A 138 -5.99 -28.92 3.69
N TRP A 139 -5.35 -30.09 3.65
CA TRP A 139 -5.10 -30.81 2.39
C TRP A 139 -6.38 -31.17 1.64
N ALA A 140 -6.34 -31.01 0.32
CA ALA A 140 -7.48 -31.39 -0.51
C ALA A 140 -7.47 -32.91 -0.51
N PRO A 141 -8.61 -33.56 -0.81
CA PRO A 141 -8.66 -35.02 -0.82
C PRO A 141 -7.57 -35.63 -1.70
N GLY A 142 -6.87 -36.62 -1.17
CA GLY A 142 -5.81 -37.27 -1.93
C GLY A 142 -4.46 -36.61 -1.85
N GLU A 143 -4.38 -35.48 -1.14
CA GLU A 143 -3.11 -34.75 -1.00
C GLU A 143 -2.60 -34.86 0.43
N PRO A 144 -1.28 -34.72 0.64
CA PRO A 144 -0.23 -34.48 -0.37
C PRO A 144 0.19 -35.80 -1.01
N ASN A 145 0.21 -35.84 -2.33
CA ASN A 145 0.54 -37.10 -3.03
C ASN A 145 1.95 -37.19 -3.62
N ASP A 146 2.74 -36.12 -3.50
CA ASP A 146 4.10 -36.09 -4.05
C ASP A 146 4.07 -36.59 -5.49
N ASP A 147 3.22 -35.97 -6.31
CA ASP A 147 3.08 -36.36 -7.70
C ASP A 147 4.42 -36.34 -8.44
N GLY A 148 4.64 -37.35 -9.27
CA GLY A 148 5.88 -37.44 -10.01
C GLY A 148 7.06 -37.64 -9.08
N GLY A 149 6.77 -37.84 -7.80
CA GLY A 149 7.82 -38.04 -6.81
C GLY A 149 8.65 -36.77 -6.69
N SER A 150 8.03 -35.62 -6.99
CA SER A 150 8.76 -34.36 -6.93
C SER A 150 7.90 -33.13 -6.57
N GLU A 151 7.08 -33.26 -5.54
CA GLU A 151 6.25 -32.13 -5.09
C GLU A 151 6.57 -31.87 -3.62
N ASP A 152 7.46 -30.92 -3.38
CA ASP A 152 7.87 -30.62 -2.02
C ASP A 152 7.43 -29.26 -1.48
N CYS A 153 6.64 -28.54 -2.28
CA CYS A 153 6.12 -27.24 -1.87
C CYS A 153 4.60 -27.36 -1.74
N VAL A 154 3.96 -26.35 -1.18
CA VAL A 154 2.52 -26.37 -0.99
C VAL A 154 1.81 -25.14 -1.53
N GLU A 155 0.69 -25.35 -2.22
CA GLU A 155 -0.11 -24.26 -2.76
C GLU A 155 -1.50 -24.30 -2.13
N ILE A 156 -2.13 -23.13 -2.01
CA ILE A 156 -3.48 -23.06 -1.47
C ILE A 156 -4.39 -22.59 -2.59
N PHE A 157 -5.47 -23.32 -2.83
CA PHE A 157 -6.42 -22.99 -3.90
C PHE A 157 -7.43 -21.92 -3.49
N THR A 158 -8.21 -21.45 -4.45
CA THR A 158 -9.23 -20.46 -4.18
C THR A 158 -10.30 -21.00 -3.26
N ASN A 159 -10.35 -22.33 -3.09
CA ASN A 159 -11.34 -22.93 -2.20
C ASN A 159 -10.74 -23.15 -0.81
N GLY A 160 -9.52 -22.66 -0.61
CA GLY A 160 -8.84 -22.79 0.67
C GLY A 160 -8.12 -24.10 0.93
N LYS A 161 -8.35 -25.11 0.11
CA LYS A 161 -7.68 -26.40 0.30
C LYS A 161 -6.24 -26.39 -0.20
N TRP A 162 -5.41 -27.26 0.37
CA TRP A 162 -4.00 -27.33 0.00
C TRP A 162 -3.65 -28.50 -0.92
N ASN A 163 -2.58 -28.32 -1.68
CA ASN A 163 -2.09 -29.35 -2.58
C ASN A 163 -0.57 -29.21 -2.66
N ASP A 164 0.14 -30.32 -2.59
CA ASP A 164 1.58 -30.23 -2.71
C ASP A 164 1.85 -30.07 -4.20
N ARG A 165 2.82 -29.23 -4.51
CA ARG A 165 3.17 -28.91 -5.89
C ARG A 165 4.66 -28.70 -6.05
N ALA A 166 5.16 -28.90 -7.26
CA ALA A 166 6.58 -28.71 -7.55
C ALA A 166 6.98 -27.28 -7.23
N CYS A 167 8.09 -27.13 -6.53
CA CYS A 167 8.58 -25.82 -6.12
C CYS A 167 8.99 -24.95 -7.31
N GLY A 168 9.22 -25.57 -8.46
CA GLY A 168 9.62 -24.82 -9.64
C GLY A 168 8.48 -24.07 -10.31
N GLU A 169 7.25 -24.42 -9.96
CA GLU A 169 6.08 -23.78 -10.53
C GLU A 169 5.93 -22.37 -9.98
N LYS A 170 5.20 -21.53 -10.70
CA LYS A 170 4.99 -20.14 -10.29
C LYS A 170 3.61 -19.97 -9.67
N ARG A 171 3.58 -19.42 -8.46
CA ARG A 171 2.32 -19.21 -7.75
C ARG A 171 2.29 -17.81 -7.12
N LEU A 172 1.10 -17.37 -6.74
CA LEU A 172 0.95 -16.03 -6.15
C LEU A 172 1.83 -15.89 -4.92
N VAL A 173 2.50 -14.74 -4.81
CA VAL A 173 3.38 -14.47 -3.68
C VAL A 173 2.61 -13.74 -2.58
N VAL A 174 2.47 -14.40 -1.43
CA VAL A 174 1.78 -13.84 -0.28
C VAL A 174 2.70 -14.04 0.93
N CYS A 175 3.06 -12.94 1.57
CA CYS A 175 3.93 -13.01 2.74
C CYS A 175 3.11 -12.71 3.99
N GLU A 176 3.63 -13.14 5.14
CA GLU A 176 2.96 -12.85 6.41
C GLU A 176 3.96 -12.07 7.25
N PHE A 177 3.42 -11.13 8.01
CA PHE A 177 4.24 -10.27 8.88
C PHE A 177 3.62 -10.23 10.27
N VAL B 26 8.88 10.29 42.88
CA VAL B 26 8.36 11.32 41.94
C VAL B 26 9.36 11.61 40.83
N ALA B 27 10.65 11.59 41.18
CA ALA B 27 11.71 11.84 40.20
C ALA B 27 11.78 10.67 39.23
N SER B 28 11.41 9.48 39.69
CA SER B 28 11.43 8.29 38.87
C SER B 28 10.35 8.43 37.78
N LEU B 29 9.17 8.88 38.19
CA LEU B 29 8.06 9.06 37.27
C LEU B 29 8.39 10.15 36.26
N ARG B 30 9.05 11.21 36.74
CA ARG B 30 9.43 12.32 35.88
C ARG B 30 10.34 11.81 34.77
N GLN B 31 11.31 11.00 35.14
CA GLN B 31 12.24 10.42 34.19
C GLN B 31 11.47 9.60 33.15
N GLN B 32 10.47 8.86 33.64
CA GLN B 32 9.65 8.03 32.77
C GLN B 32 8.85 8.86 31.77
N VAL B 33 8.35 10.00 32.21
CA VAL B 33 7.57 10.89 31.33
C VAL B 33 8.48 11.43 30.24
N GLU B 34 9.68 11.85 30.62
CA GLU B 34 10.65 12.39 29.68
C GLU B 34 10.97 11.37 28.60
N ALA B 35 11.11 10.11 29.01
CA ALA B 35 11.42 9.04 28.08
C ALA B 35 10.27 8.87 27.09
N LEU B 36 9.05 8.79 27.62
CA LEU B 36 7.86 8.64 26.79
C LEU B 36 7.71 9.78 25.79
N GLN B 37 8.05 10.99 26.22
CA GLN B 37 7.95 12.14 25.32
C GLN B 37 8.84 11.94 24.10
N GLY B 38 10.03 11.40 24.31
CA GLY B 38 10.94 11.17 23.20
C GLY B 38 10.45 10.05 22.31
N GLN B 39 9.87 9.02 22.91
CA GLN B 39 9.37 7.89 22.13
C GLN B 39 8.17 8.30 21.29
N VAL B 40 7.31 9.14 21.86
CA VAL B 40 6.14 9.61 21.15
C VAL B 40 6.58 10.50 19.98
N GLN B 41 7.53 11.39 20.25
CA GLN B 41 8.01 12.26 19.19
C GLN B 41 8.58 11.45 18.04
N HIS B 42 9.28 10.37 18.37
CA HIS B 42 9.86 9.51 17.33
C HIS B 42 8.74 8.88 16.49
N LEU B 43 7.72 8.35 17.16
CA LEU B 43 6.60 7.73 16.46
C LEU B 43 5.87 8.72 15.57
N GLN B 44 5.69 9.94 16.05
CA GLN B 44 4.98 10.96 15.28
C GLN B 44 5.73 11.30 14.00
N ALA B 45 7.04 11.50 14.10
CA ALA B 45 7.86 11.83 12.93
C ALA B 45 7.88 10.67 11.94
N ALA B 46 8.17 9.47 12.43
CA ALA B 46 8.25 8.29 11.58
C ALA B 46 6.92 8.03 10.88
N PHE B 47 5.82 8.14 11.62
CA PHE B 47 4.49 7.90 11.07
C PHE B 47 4.09 8.97 10.06
N SER B 48 4.50 10.21 10.29
CA SER B 48 4.18 11.29 9.36
C SER B 48 4.74 10.96 7.98
N GLN B 49 5.96 10.42 7.97
CA GLN B 49 6.60 10.05 6.71
C GLN B 49 5.85 8.89 6.06
N TYR B 50 5.51 7.87 6.83
CA TYR B 50 4.82 6.73 6.25
C TYR B 50 3.41 7.03 5.72
N LYS B 51 2.77 8.07 6.26
CA LYS B 51 1.43 8.43 5.77
C LYS B 51 1.53 8.81 4.29
N LYS B 52 2.52 9.63 3.96
CA LYS B 52 2.73 10.07 2.59
C LYS B 52 3.10 8.89 1.70
N VAL B 53 3.99 8.04 2.20
CA VAL B 53 4.42 6.88 1.44
C VAL B 53 3.24 5.95 1.15
N GLU B 54 2.42 5.70 2.18
CA GLU B 54 1.28 4.82 2.02
C GLU B 54 0.25 5.28 0.98
N LEU B 55 -0.04 6.57 0.96
CA LEU B 55 -1.04 7.10 0.05
C LEU B 55 -0.60 7.22 -1.40
N PHE B 56 0.71 7.06 -1.64
CA PHE B 56 1.22 7.14 -3.00
C PHE B 56 1.22 5.72 -3.58
N PRO B 57 0.59 5.51 -4.75
CA PRO B 57 -0.12 6.47 -5.61
C PRO B 57 -1.63 6.26 -5.67
N ASN B 58 -2.17 5.40 -4.81
CA ASN B 58 -3.59 5.10 -4.87
C ASN B 58 -4.47 5.68 -3.78
N GLY B 59 -3.92 6.57 -2.98
CA GLY B 59 -4.69 7.17 -1.90
C GLY B 59 -4.76 8.68 -1.98
N GLN B 60 -5.73 9.25 -1.27
CA GLN B 60 -5.90 10.69 -1.24
C GLN B 60 -6.51 11.08 0.10
N SER B 61 -5.82 11.94 0.83
CA SER B 61 -6.30 12.40 2.11
C SER B 61 -7.01 13.74 1.96
N VAL B 62 -8.11 13.91 2.68
CA VAL B 62 -8.86 15.17 2.65
C VAL B 62 -9.55 15.31 4.01
N GLY B 63 -9.08 16.28 4.78
CA GLY B 63 -9.64 16.45 6.12
C GLY B 63 -9.28 15.21 6.91
N GLU B 64 -10.25 14.63 7.59
CA GLU B 64 -10.04 13.42 8.39
C GLU B 64 -10.36 12.16 7.59
N LYS B 65 -10.74 12.32 6.33
CA LYS B 65 -11.11 11.19 5.46
C LYS B 65 -10.00 10.78 4.50
N ILE B 66 -9.96 9.48 4.19
CA ILE B 66 -8.98 8.98 3.24
C ILE B 66 -9.68 8.13 2.19
N PHE B 67 -9.44 8.44 0.92
CA PHE B 67 -10.00 7.68 -0.19
C PHE B 67 -8.87 6.80 -0.70
N LYS B 68 -9.18 5.55 -1.04
CA LYS B 68 -8.16 4.68 -1.59
C LYS B 68 -8.78 3.79 -2.64
N THR B 69 -8.17 3.75 -3.82
CA THR B 69 -8.71 2.92 -4.89
C THR B 69 -8.04 1.55 -4.91
N ALA B 70 -8.79 0.56 -5.36
CA ALA B 70 -8.30 -0.81 -5.45
C ALA B 70 -7.52 -0.95 -6.74
N GLY B 71 -7.72 0.01 -7.65
CA GLY B 71 -7.02 -0.02 -8.92
C GLY B 71 -7.72 -0.80 -10.02
N PHE B 72 -8.87 -1.38 -9.70
CA PHE B 72 -9.62 -2.16 -10.69
C PHE B 72 -11.11 -1.84 -10.66
N VAL B 73 -11.86 -2.36 -11.64
CA VAL B 73 -13.29 -2.11 -11.73
C VAL B 73 -14.13 -3.31 -11.32
N LYS B 74 -15.31 -3.03 -10.76
CA LYS B 74 -16.24 -4.08 -10.32
C LYS B 74 -17.66 -3.53 -10.36
N PRO B 75 -18.68 -4.42 -10.37
CA PRO B 75 -20.07 -3.95 -10.38
C PRO B 75 -20.33 -3.42 -8.97
N PHE B 76 -21.35 -2.61 -8.81
CA PHE B 76 -21.66 -2.02 -7.50
C PHE B 76 -21.68 -2.97 -6.30
N THR B 77 -22.48 -4.03 -6.37
CA THR B 77 -22.56 -4.98 -5.26
C THR B 77 -21.20 -5.50 -4.84
N GLU B 78 -20.36 -5.87 -5.80
CA GLU B 78 -19.03 -6.38 -5.50
C GLU B 78 -18.14 -5.29 -4.90
N ALA B 79 -18.22 -4.08 -5.47
CA ALA B 79 -17.42 -2.97 -4.97
C ALA B 79 -17.81 -2.62 -3.54
N GLN B 80 -19.12 -2.58 -3.30
CA GLN B 80 -19.66 -2.28 -1.98
C GLN B 80 -19.14 -3.28 -0.95
N LEU B 81 -19.23 -4.56 -1.27
CA LEU B 81 -18.76 -5.60 -0.37
C LEU B 81 -17.27 -5.45 -0.05
N LEU B 82 -16.46 -5.20 -1.08
CA LEU B 82 -15.02 -5.04 -0.88
C LEU B 82 -14.74 -3.95 0.15
N CYS B 83 -15.37 -2.79 -0.02
CA CYS B 83 -15.15 -1.70 0.91
C CYS B 83 -15.63 -2.03 2.32
N THR B 84 -16.83 -2.61 2.43
CA THR B 84 -17.39 -2.93 3.73
C THR B 84 -16.54 -3.94 4.49
N GLN B 85 -16.07 -4.97 3.81
CA GLN B 85 -15.25 -5.99 4.45
C GLN B 85 -13.89 -5.44 4.85
N ALA B 86 -13.46 -4.37 4.19
CA ALA B 86 -12.17 -3.75 4.50
C ALA B 86 -12.30 -2.77 5.67
N GLY B 87 -13.50 -2.62 6.20
CA GLY B 87 -13.71 -1.71 7.31
C GLY B 87 -14.07 -0.29 6.92
N GLY B 88 -14.42 -0.08 5.65
CA GLY B 88 -14.79 1.25 5.21
C GLY B 88 -16.11 1.18 4.45
N GLN B 89 -16.25 2.02 3.44
CA GLN B 89 -17.45 2.02 2.60
C GLN B 89 -17.10 2.71 1.29
N LEU B 90 -17.95 2.56 0.29
CA LEU B 90 -17.70 3.19 -0.99
C LEU B 90 -17.57 4.69 -0.81
N ALA B 91 -16.77 5.31 -1.68
CA ALA B 91 -16.55 6.74 -1.64
C ALA B 91 -17.87 7.49 -1.51
N SER B 92 -17.93 8.40 -0.54
CA SER B 92 -19.13 9.19 -0.27
C SER B 92 -18.77 10.65 -0.01
N PRO B 93 -18.39 11.40 -1.05
CA PRO B 93 -18.03 12.81 -0.84
C PRO B 93 -19.17 13.63 -0.23
N ARG B 94 -18.89 14.30 0.89
CA ARG B 94 -19.91 15.10 1.56
C ARG B 94 -19.68 16.60 1.47
N SER B 95 -18.75 17.00 0.60
CA SER B 95 -18.45 18.42 0.39
C SER B 95 -17.70 18.58 -0.93
N ALA B 96 -17.63 19.80 -1.43
CA ALA B 96 -16.92 20.07 -2.68
C ALA B 96 -15.47 19.66 -2.56
N ALA B 97 -14.88 19.90 -1.37
CA ALA B 97 -13.49 19.56 -1.12
C ALA B 97 -13.26 18.06 -1.18
N GLU B 98 -14.14 17.28 -0.56
CA GLU B 98 -14.00 15.84 -0.60
C GLU B 98 -14.17 15.35 -2.03
N ASN B 99 -15.12 15.94 -2.75
CA ASN B 99 -15.39 15.51 -4.11
C ASN B 99 -14.19 15.80 -5.00
N ALA B 100 -13.54 16.95 -4.79
CA ALA B 100 -12.37 17.31 -5.59
C ALA B 100 -11.21 16.36 -5.32
N ALA B 101 -11.06 15.94 -4.07
CA ALA B 101 -10.01 15.01 -3.71
C ALA B 101 -10.27 13.67 -4.39
N LEU B 102 -11.51 13.23 -4.36
CA LEU B 102 -11.88 11.98 -5.00
C LEU B 102 -11.60 12.09 -6.49
N GLN B 103 -11.95 13.24 -7.07
CA GLN B 103 -11.73 13.45 -8.48
C GLN B 103 -10.27 13.26 -8.87
N GLN B 104 -9.35 13.68 -8.00
CA GLN B 104 -7.92 13.53 -8.29
C GLN B 104 -7.56 12.08 -8.57
N LEU B 105 -8.10 11.16 -7.76
CA LEU B 105 -7.82 9.74 -7.94
C LEU B 105 -8.42 9.23 -9.23
N VAL B 106 -9.67 9.61 -9.49
CA VAL B 106 -10.38 9.20 -10.69
C VAL B 106 -9.63 9.66 -11.93
N VAL B 107 -9.15 10.90 -11.90
CA VAL B 107 -8.40 11.47 -13.01
C VAL B 107 -7.08 10.71 -13.19
N ALA B 108 -6.40 10.46 -12.08
CA ALA B 108 -5.12 9.77 -12.12
C ALA B 108 -5.25 8.37 -12.71
N LYS B 109 -6.35 7.70 -12.40
CA LYS B 109 -6.58 6.35 -12.91
C LYS B 109 -7.33 6.38 -14.23
N ASN B 110 -7.89 7.53 -14.57
CA ASN B 110 -8.66 7.71 -15.80
C ASN B 110 -9.80 6.70 -15.91
N GLU B 111 -10.52 6.50 -14.82
CA GLU B 111 -11.64 5.57 -14.78
C GLU B 111 -12.72 6.07 -13.84
N ALA B 112 -13.93 6.25 -14.36
CA ALA B 112 -15.05 6.71 -13.54
C ALA B 112 -15.23 5.69 -12.42
N ALA B 113 -15.63 6.18 -11.25
CA ALA B 113 -15.80 5.31 -10.09
C ALA B 113 -17.19 5.37 -9.49
N PHE B 114 -17.58 4.31 -8.81
CA PHE B 114 -18.87 4.24 -8.14
C PHE B 114 -18.80 4.98 -6.81
N LEU B 115 -19.92 5.61 -6.44
CA LEU B 115 -20.03 6.27 -5.15
C LEU B 115 -20.88 5.30 -4.33
N SER B 116 -21.11 5.60 -3.06
CA SER B 116 -21.87 4.71 -2.19
C SER B 116 -23.39 4.82 -2.25
N MET B 117 -23.87 5.96 -2.75
CA MET B 117 -25.30 6.22 -2.77
C MET B 117 -26.15 5.60 -3.89
N THR B 118 -27.38 5.26 -3.54
CA THR B 118 -28.33 4.66 -4.48
C THR B 118 -29.74 5.16 -4.20
N ASP B 119 -30.64 4.98 -5.16
CA ASP B 119 -32.04 5.34 -4.97
C ASP B 119 -32.83 4.06 -5.18
N SER B 120 -32.21 2.95 -4.79
CA SER B 120 -32.80 1.62 -4.92
C SER B 120 -34.08 1.46 -4.10
N LYS B 121 -34.09 2.04 -2.91
CA LYS B 121 -35.26 1.94 -2.05
C LYS B 121 -36.43 2.73 -2.62
N THR B 122 -36.21 4.02 -2.84
CA THR B 122 -37.24 4.88 -3.40
C THR B 122 -36.69 5.64 -4.59
N GLU B 123 -37.17 5.29 -5.78
CA GLU B 123 -36.72 5.93 -7.02
C GLU B 123 -36.76 7.45 -6.90
N GLY B 124 -35.66 8.09 -7.25
CA GLY B 124 -35.59 9.54 -7.19
C GLY B 124 -34.99 10.09 -5.91
N LYS B 125 -34.88 9.25 -4.89
CA LYS B 125 -34.32 9.68 -3.61
C LYS B 125 -33.05 8.94 -3.29
N PHE B 126 -31.91 9.57 -3.57
CA PHE B 126 -30.63 8.94 -3.29
C PHE B 126 -30.24 9.08 -1.83
N THR B 127 -29.73 8.00 -1.27
CA THR B 127 -29.32 7.98 0.13
C THR B 127 -27.99 7.27 0.32
N TYR B 128 -27.35 7.53 1.45
CA TYR B 128 -26.09 6.88 1.80
C TYR B 128 -26.46 5.49 2.32
N PRO B 129 -25.47 4.60 2.48
CA PRO B 129 -25.74 3.25 2.97
C PRO B 129 -26.55 3.23 4.28
N THR B 130 -26.44 4.31 5.05
CA THR B 130 -27.15 4.41 6.33
C THR B 130 -28.63 4.79 6.18
N GLY B 131 -29.02 5.23 4.99
CA GLY B 131 -30.40 5.63 4.75
C GLY B 131 -30.60 7.13 4.77
N GLU B 132 -29.59 7.85 5.25
CA GLU B 132 -29.63 9.32 5.32
C GLU B 132 -29.61 9.94 3.92
N SER B 133 -30.36 11.03 3.75
CA SER B 133 -30.41 11.72 2.45
C SER B 133 -29.10 12.48 2.21
N LEU B 134 -28.80 12.79 0.95
CA LEU B 134 -27.56 13.48 0.60
C LEU B 134 -27.38 14.87 1.20
N VAL B 135 -26.15 15.16 1.64
CA VAL B 135 -25.84 16.48 2.20
C VAL B 135 -25.03 17.26 1.17
N TYR B 136 -24.67 16.57 0.09
CA TYR B 136 -23.91 17.16 -1.02
C TYR B 136 -24.10 16.33 -2.28
N SER B 137 -24.04 17.00 -3.42
CA SER B 137 -24.15 16.33 -4.72
C SER B 137 -23.48 17.21 -5.77
N ASN B 138 -23.06 16.60 -6.87
CA ASN B 138 -22.43 17.35 -7.95
C ASN B 138 -22.89 16.77 -9.28
N TRP B 139 -24.20 16.64 -9.41
CA TRP B 139 -24.82 16.08 -10.61
C TRP B 139 -24.53 16.84 -11.89
N ALA B 140 -24.24 16.10 -12.95
CA ALA B 140 -23.98 16.71 -14.25
C ALA B 140 -25.37 17.22 -14.66
N PRO B 141 -25.43 18.20 -15.57
CA PRO B 141 -26.72 18.74 -16.01
C PRO B 141 -27.68 17.63 -16.47
N GLY B 142 -28.93 17.69 -15.99
CA GLY B 142 -29.92 16.72 -16.38
C GLY B 142 -29.93 15.42 -15.59
N GLU B 143 -28.92 15.22 -14.74
CA GLU B 143 -28.83 14.01 -13.95
C GLU B 143 -29.35 14.26 -12.53
N PRO B 144 -29.88 13.23 -11.86
CA PRO B 144 -30.02 11.86 -12.37
C PRO B 144 -31.22 11.76 -13.32
N ASN B 145 -31.09 10.92 -14.34
CA ASN B 145 -32.17 10.76 -15.32
C ASN B 145 -32.76 9.36 -15.40
N ASP B 146 -32.29 8.47 -14.54
CA ASP B 146 -32.77 7.08 -14.50
C ASP B 146 -32.95 6.56 -15.92
N ASP B 147 -31.92 6.73 -16.74
CA ASP B 147 -31.96 6.31 -18.12
C ASP B 147 -32.36 4.84 -18.27
N GLY B 148 -33.29 4.59 -19.18
CA GLY B 148 -33.77 3.23 -19.39
C GLY B 148 -34.63 2.76 -18.24
N GLY B 149 -34.86 3.68 -17.29
CA GLY B 149 -35.65 3.36 -16.12
C GLY B 149 -34.92 2.37 -15.23
N SER B 150 -33.60 2.31 -15.35
CA SER B 150 -32.83 1.35 -14.56
C SER B 150 -31.47 1.80 -14.05
N GLU B 151 -31.37 3.05 -13.59
CA GLU B 151 -30.10 3.53 -13.05
C GLU B 151 -30.30 3.95 -11.61
N ASP B 152 -29.84 3.11 -10.68
CA ASP B 152 -30.00 3.42 -9.25
C ASP B 152 -28.70 3.62 -8.50
N CYS B 153 -27.58 3.54 -9.21
CA CYS B 153 -26.27 3.75 -8.61
C CYS B 153 -25.68 5.07 -9.14
N VAL B 154 -24.58 5.51 -8.56
CA VAL B 154 -23.98 6.77 -8.98
C VAL B 154 -22.51 6.63 -9.29
N GLU B 155 -22.07 7.28 -10.36
CA GLU B 155 -20.66 7.25 -10.75
C GLU B 155 -20.15 8.68 -10.80
N ILE B 156 -18.85 8.85 -10.57
CA ILE B 156 -18.24 10.17 -10.65
C ILE B 156 -17.28 10.12 -11.83
N PHE B 157 -17.41 11.11 -12.73
CA PHE B 157 -16.58 11.19 -13.93
C PHE B 157 -15.21 11.80 -13.64
N THR B 158 -14.33 11.78 -14.63
CA THR B 158 -13.01 12.37 -14.45
C THR B 158 -13.13 13.89 -14.26
N ASN B 159 -14.25 14.46 -14.71
CA ASN B 159 -14.44 15.91 -14.54
C ASN B 159 -15.08 16.21 -13.18
N GLY B 160 -15.25 15.18 -12.36
CA GLY B 160 -15.82 15.36 -11.03
C GLY B 160 -17.32 15.37 -10.93
N LYS B 161 -18.02 15.37 -12.07
CA LYS B 161 -19.47 15.40 -12.06
C LYS B 161 -20.08 14.02 -11.81
N TRP B 162 -21.30 14.02 -11.29
CA TRP B 162 -22.01 12.78 -10.98
C TRP B 162 -23.07 12.42 -12.01
N ASN B 163 -23.31 11.12 -12.14
CA ASN B 163 -24.32 10.62 -13.06
C ASN B 163 -24.85 9.31 -12.51
N ASP B 164 -26.17 9.13 -12.55
CA ASP B 164 -26.71 7.87 -12.07
C ASP B 164 -26.45 6.88 -13.18
N ARG B 165 -26.06 5.67 -12.79
CA ARG B 165 -25.69 4.62 -13.73
C ARG B 165 -26.20 3.27 -13.23
N ALA B 166 -26.37 2.33 -14.16
CA ALA B 166 -26.84 0.99 -13.81
C ALA B 166 -25.85 0.35 -12.86
N CYS B 167 -26.36 -0.20 -11.76
CA CYS B 167 -25.50 -0.84 -10.77
C CYS B 167 -24.76 -2.06 -11.29
N GLY B 168 -25.29 -2.65 -12.35
CA GLY B 168 -24.68 -3.83 -12.93
C GLY B 168 -23.41 -3.52 -13.72
N GLU B 169 -23.21 -2.26 -14.06
CA GLU B 169 -22.03 -1.84 -14.80
C GLU B 169 -20.80 -1.89 -13.90
N LYS B 170 -19.63 -1.98 -14.52
CA LYS B 170 -18.37 -2.03 -13.77
C LYS B 170 -17.69 -0.66 -13.75
N ARG B 171 -17.32 -0.21 -12.55
CA ARG B 171 -16.65 1.07 -12.40
C ARG B 171 -15.49 0.94 -11.39
N LEU B 172 -14.60 1.93 -11.39
CA LEU B 172 -13.46 1.92 -10.49
C LEU B 172 -13.90 1.79 -9.04
N VAL B 173 -13.24 0.91 -8.30
CA VAL B 173 -13.56 0.70 -6.89
C VAL B 173 -12.73 1.65 -6.03
N VAL B 174 -13.40 2.56 -5.33
CA VAL B 174 -12.72 3.50 -4.46
C VAL B 174 -13.46 3.52 -3.14
N CYS B 175 -12.74 3.23 -2.06
CA CYS B 175 -13.36 3.20 -0.74
C CYS B 175 -12.88 4.40 0.06
N GLU B 176 -13.60 4.69 1.14
CA GLU B 176 -13.22 5.77 2.03
C GLU B 176 -13.07 5.15 3.42
N PHE B 177 -12.06 5.64 4.15
CA PHE B 177 -11.76 5.17 5.48
C PHE B 177 -11.61 6.37 6.43
N VAL C 26 0.02 10.80 41.98
CA VAL C 26 1.08 10.05 42.74
C VAL C 26 0.93 8.56 42.47
N ALA C 27 0.07 7.89 43.24
CA ALA C 27 -0.16 6.47 43.05
C ALA C 27 -1.08 6.35 41.85
N SER C 28 -1.81 7.43 41.59
CA SER C 28 -2.73 7.52 40.46
C SER C 28 -1.94 7.95 39.23
N LEU C 29 -0.98 8.84 39.44
CA LEU C 29 -0.13 9.32 38.36
C LEU C 29 0.72 8.15 37.88
N ARG C 30 1.29 7.45 38.85
CA ARG C 30 2.15 6.29 38.60
C ARG C 30 1.35 5.24 37.82
N GLN C 31 0.06 5.18 38.08
CA GLN C 31 -0.82 4.23 37.40
C GLN C 31 -1.07 4.68 35.97
N GLN C 32 -1.34 5.97 35.79
CA GLN C 32 -1.59 6.52 34.46
C GLN C 32 -0.35 6.38 33.58
N VAL C 33 0.82 6.54 34.19
CA VAL C 33 2.07 6.43 33.46
C VAL C 33 2.28 5.01 32.94
N GLU C 34 1.97 4.02 33.76
CA GLU C 34 2.12 2.63 33.36
C GLU C 34 1.21 2.31 32.19
N ALA C 35 0.00 2.85 32.20
CA ALA C 35 -0.95 2.63 31.12
C ALA C 35 -0.42 3.27 29.85
N LEU C 36 0.09 4.49 29.99
CA LEU C 36 0.65 5.22 28.86
C LEU C 36 1.84 4.46 28.29
N GLN C 37 2.71 3.96 29.17
CA GLN C 37 3.87 3.20 28.72
C GLN C 37 3.42 2.00 27.90
N GLY C 38 2.36 1.35 28.37
CA GLY C 38 1.82 0.19 27.68
C GLY C 38 1.30 0.54 26.31
N GLN C 39 0.63 1.68 26.19
CA GLN C 39 0.10 2.13 24.91
C GLN C 39 1.22 2.45 23.92
N VAL C 40 2.27 3.09 24.41
CA VAL C 40 3.40 3.44 23.56
C VAL C 40 4.16 2.20 23.12
N GLN C 41 4.37 1.26 24.03
CA GLN C 41 5.09 0.04 23.66
C GLN C 41 4.29 -0.72 22.61
N HIS C 42 2.97 -0.75 22.75
CA HIS C 42 2.13 -1.44 21.77
C HIS C 42 2.28 -0.76 20.40
N LEU C 43 2.25 0.57 20.40
CA LEU C 43 2.38 1.32 19.16
C LEU C 43 3.72 1.08 18.48
N GLN C 44 4.79 1.00 19.28
CA GLN C 44 6.10 0.75 18.69
C GLN C 44 6.12 -0.59 17.97
N ALA C 45 5.49 -1.61 18.56
CA ALA C 45 5.47 -2.93 17.95
C ALA C 45 4.55 -2.94 16.73
N ALA C 46 3.37 -2.33 16.88
CA ALA C 46 2.41 -2.29 15.77
C ALA C 46 2.95 -1.48 14.60
N PHE C 47 3.59 -0.36 14.90
CA PHE C 47 4.13 0.49 13.85
C PHE C 47 5.26 -0.23 13.11
N SER C 48 6.13 -0.90 13.86
CA SER C 48 7.25 -1.60 13.23
C SER C 48 6.75 -2.67 12.27
N GLN C 49 5.71 -3.39 12.68
CA GLN C 49 5.14 -4.43 11.82
C GLN C 49 4.54 -3.79 10.57
N TYR C 50 3.78 -2.72 10.77
CA TYR C 50 3.14 -2.02 9.66
C TYR C 50 4.16 -1.48 8.65
N LYS C 51 5.30 -1.00 9.12
CA LYS C 51 6.31 -0.47 8.20
C LYS C 51 6.74 -1.56 7.20
N LYS C 52 6.95 -2.77 7.69
CA LYS C 52 7.35 -3.87 6.82
C LYS C 52 6.27 -4.16 5.80
N VAL C 53 5.02 -4.15 6.26
CA VAL C 53 3.89 -4.41 5.37
C VAL C 53 3.82 -3.35 4.27
N GLU C 54 3.93 -2.08 4.66
CA GLU C 54 3.85 -1.00 3.69
C GLU C 54 4.92 -1.07 2.62
N LEU C 55 6.16 -1.33 3.02
CA LEU C 55 7.27 -1.37 2.06
C LEU C 55 7.23 -2.56 1.11
N PHE C 56 6.49 -3.61 1.48
CA PHE C 56 6.38 -4.79 0.62
C PHE C 56 5.23 -4.61 -0.39
N PRO C 57 5.52 -4.72 -1.69
CA PRO C 57 6.81 -5.03 -2.31
C PRO C 57 7.36 -3.85 -3.11
N ASN C 58 6.76 -2.68 -2.98
CA ASN C 58 7.19 -1.54 -3.78
C ASN C 58 8.00 -0.44 -3.13
N GLY C 59 8.48 -0.68 -1.91
CA GLY C 59 9.28 0.33 -1.23
C GLY C 59 10.64 -0.13 -0.75
N GLN C 60 11.51 0.83 -0.51
CA GLN C 60 12.86 0.58 -0.04
C GLN C 60 13.25 1.69 0.93
N SER C 61 13.74 1.30 2.09
CA SER C 61 14.15 2.29 3.09
C SER C 61 15.67 2.30 3.19
N VAL C 62 16.25 3.49 3.13
CA VAL C 62 17.70 3.65 3.22
C VAL C 62 17.99 4.94 4.00
N GLY C 63 18.62 4.80 5.15
CA GLY C 63 18.89 5.97 5.97
C GLY C 63 17.54 6.51 6.39
N GLU C 64 17.34 7.82 6.26
CA GLU C 64 16.06 8.43 6.63
C GLU C 64 15.16 8.62 5.40
N LYS C 65 15.61 8.09 4.27
CA LYS C 65 14.85 8.22 3.02
C LYS C 65 14.11 6.94 2.66
N ILE C 66 12.98 7.10 1.98
CA ILE C 66 12.18 5.97 1.53
C ILE C 66 11.82 6.14 0.06
N PHE C 67 12.16 5.13 -0.75
CA PHE C 67 11.82 5.14 -2.17
C PHE C 67 10.58 4.28 -2.34
N LYS C 68 9.67 4.71 -3.19
CA LYS C 68 8.49 3.89 -3.46
C LYS C 68 8.09 4.04 -4.90
N THR C 69 7.90 2.92 -5.59
CA THR C 69 7.50 2.97 -6.99
C THR C 69 5.99 2.88 -7.12
N ALA C 70 5.46 3.55 -8.14
CA ALA C 70 4.02 3.54 -8.40
C ALA C 70 3.66 2.27 -9.16
N GLY C 71 4.67 1.55 -9.63
CA GLY C 71 4.43 0.32 -10.36
C GLY C 71 4.03 0.50 -11.82
N PHE C 72 4.12 1.74 -12.31
CA PHE C 72 3.79 2.01 -13.71
C PHE C 72 4.73 3.06 -14.30
N VAL C 73 4.70 3.22 -15.62
CA VAL C 73 5.57 4.17 -16.29
C VAL C 73 4.86 5.43 -16.77
N LYS C 74 5.58 6.55 -16.76
CA LYS C 74 5.05 7.83 -17.21
C LYS C 74 6.16 8.70 -17.76
N PRO C 75 5.80 9.73 -18.54
CA PRO C 75 6.82 10.62 -19.10
C PRO C 75 7.32 11.43 -17.92
N PHE C 76 8.49 12.06 -18.05
CA PHE C 76 9.05 12.81 -16.94
C PHE C 76 8.12 13.81 -16.25
N THR C 77 7.57 14.75 -17.01
CA THR C 77 6.69 15.77 -16.45
C THR C 77 5.56 15.18 -15.62
N GLU C 78 4.93 14.12 -16.12
CA GLU C 78 3.84 13.47 -15.41
C GLU C 78 4.34 12.76 -14.15
N ALA C 79 5.48 12.08 -14.27
CA ALA C 79 6.05 11.38 -13.13
C ALA C 79 6.40 12.38 -12.04
N GLN C 80 7.01 13.50 -12.45
CA GLN C 80 7.42 14.55 -11.53
C GLN C 80 6.22 15.14 -10.78
N LEU C 81 5.12 15.37 -11.48
CA LEU C 81 3.94 15.94 -10.87
C LEU C 81 3.35 14.98 -9.83
N LEU C 82 3.30 13.69 -10.19
CA LEU C 82 2.76 12.68 -9.27
C LEU C 82 3.50 12.68 -7.94
N CYS C 83 4.83 12.70 -7.99
CA CYS C 83 5.62 12.71 -6.77
C CYS C 83 5.37 13.98 -5.97
N THR C 84 5.38 15.12 -6.65
CA THR C 84 5.14 16.40 -5.99
C THR C 84 3.79 16.47 -5.31
N GLN C 85 2.75 16.04 -6.02
CA GLN C 85 1.39 16.05 -5.47
C GLN C 85 1.24 15.09 -4.30
N ALA C 86 2.13 14.12 -4.21
CA ALA C 86 2.09 13.13 -3.14
C ALA C 86 2.90 13.61 -1.92
N GLY C 87 3.53 14.78 -2.05
CA GLY C 87 4.29 15.32 -0.95
C GLY C 87 5.76 14.92 -0.94
N GLY C 88 6.24 14.37 -2.05
CA GLY C 88 7.63 13.98 -2.13
C GLY C 88 8.20 14.50 -3.43
N GLN C 89 9.15 13.76 -4.01
CA GLN C 89 9.73 14.16 -5.29
C GLN C 89 10.32 12.93 -5.97
N LEU C 90 10.71 13.08 -7.23
CA LEU C 90 11.29 11.95 -7.95
C LEU C 90 12.54 11.45 -7.25
N ALA C 91 12.81 10.16 -7.40
CA ALA C 91 13.97 9.54 -6.79
C ALA C 91 15.22 10.37 -7.06
N SER C 92 15.95 10.69 -6.00
CA SER C 92 17.17 11.49 -6.11
C SER C 92 18.29 10.86 -5.29
N PRO C 93 18.88 9.75 -5.79
CA PRO C 93 19.97 9.11 -5.05
C PRO C 93 21.16 10.06 -4.85
N ARG C 94 21.57 10.23 -3.61
CA ARG C 94 22.67 11.13 -3.28
C ARG C 94 23.92 10.43 -2.75
N SER C 95 23.93 9.10 -2.83
CA SER C 95 25.06 8.31 -2.37
C SER C 95 24.99 6.93 -2.99
N ALA C 96 26.07 6.16 -2.89
CA ALA C 96 26.08 4.82 -3.45
C ALA C 96 25.04 3.96 -2.75
N ALA C 97 24.88 4.18 -1.44
CA ALA C 97 23.92 3.44 -0.65
C ALA C 97 22.49 3.71 -1.12
N GLU C 98 22.16 4.97 -1.35
CA GLU C 98 20.81 5.29 -1.83
C GLU C 98 20.60 4.72 -3.23
N ASN C 99 21.63 4.82 -4.06
CA ASN C 99 21.51 4.32 -5.42
C ASN C 99 21.27 2.81 -5.43
N ALA C 100 21.95 2.10 -4.53
CA ALA C 100 21.79 0.64 -4.45
C ALA C 100 20.38 0.29 -4.04
N ALA C 101 19.82 1.06 -3.11
CA ALA C 101 18.46 0.83 -2.63
C ALA C 101 17.47 1.03 -3.76
N LEU C 102 17.65 2.12 -4.51
CA LEU C 102 16.79 2.44 -5.63
C LEU C 102 16.89 1.33 -6.68
N GLN C 103 18.11 0.89 -6.94
CA GLN C 103 18.37 -0.15 -7.91
C GLN C 103 17.55 -1.41 -7.64
N GLN C 104 17.31 -1.71 -6.36
CA GLN C 104 16.53 -2.89 -6.01
C GLN C 104 15.13 -2.83 -6.58
N LEU C 105 14.49 -1.65 -6.49
CA LEU C 105 13.15 -1.49 -7.03
C LEU C 105 13.16 -1.60 -8.54
N VAL C 106 14.17 -1.03 -9.17
CA VAL C 106 14.28 -1.07 -10.63
C VAL C 106 14.45 -2.52 -11.08
N VAL C 107 15.29 -3.26 -10.37
CA VAL C 107 15.53 -4.66 -10.68
C VAL C 107 14.25 -5.47 -10.45
N ALA C 108 13.60 -5.21 -9.32
CA ALA C 108 12.37 -5.91 -8.96
C ALA C 108 11.29 -5.74 -10.03
N LYS C 109 11.17 -4.52 -10.56
CA LYS C 109 10.17 -4.25 -11.59
C LYS C 109 10.70 -4.49 -12.99
N ASN C 110 12.02 -4.65 -13.07
CA ASN C 110 12.70 -4.87 -14.35
C ASN C 110 12.32 -3.75 -15.32
N GLU C 111 12.30 -2.52 -14.81
CA GLU C 111 11.95 -1.35 -15.60
C GLU C 111 12.81 -0.18 -15.17
N ALA C 112 13.54 0.41 -16.12
CA ALA C 112 14.38 1.56 -15.82
C ALA C 112 13.49 2.68 -15.30
N ALA C 113 14.00 3.48 -14.37
CA ALA C 113 13.22 4.57 -13.80
C ALA C 113 13.85 5.95 -13.95
N PHE C 114 13.00 6.98 -13.92
CA PHE C 114 13.45 8.36 -14.01
C PHE C 114 13.97 8.86 -12.66
N LEU C 115 15.00 9.69 -12.71
CA LEU C 115 15.54 10.30 -11.50
C LEU C 115 14.97 11.72 -11.56
N SER C 116 15.23 12.52 -10.54
CA SER C 116 14.68 13.88 -10.51
C SER C 116 15.50 14.93 -11.22
N MET C 117 16.77 14.63 -11.44
CA MET C 117 17.69 15.57 -12.05
C MET C 117 17.60 15.77 -13.57
N THR C 118 17.88 17.00 -14.01
CA THR C 118 17.83 17.35 -15.43
C THR C 118 18.82 18.46 -15.73
N ASP C 119 19.17 18.60 -17.01
CA ASP C 119 20.06 19.67 -17.42
C ASP C 119 19.28 20.55 -18.40
N SER C 120 17.97 20.66 -18.14
CA SER C 120 17.05 21.46 -18.96
C SER C 120 17.39 22.94 -18.92
N LYS C 121 17.85 23.42 -17.77
CA LYS C 121 18.20 24.82 -17.60
C LYS C 121 19.44 25.17 -18.43
N THR C 122 20.53 24.47 -18.13
CA THR C 122 21.80 24.68 -18.84
C THR C 122 22.30 23.33 -19.34
N GLU C 123 22.29 23.15 -20.65
CA GLU C 123 22.74 21.91 -21.27
C GLU C 123 24.13 21.51 -20.77
N GLY C 124 24.28 20.25 -20.38
CA GLY C 124 25.56 19.76 -19.90
C GLY C 124 25.76 19.91 -18.40
N LYS C 125 24.80 20.54 -17.74
CA LYS C 125 24.89 20.72 -16.30
C LYS C 125 23.65 20.19 -15.60
N PHE C 126 23.75 19.01 -15.01
CA PHE C 126 22.61 18.42 -14.33
C PHE C 126 22.44 18.95 -12.90
N THR C 127 21.20 19.21 -12.54
CA THR C 127 20.89 19.75 -11.22
C THR C 127 19.66 19.07 -10.60
N TYR C 128 19.53 19.19 -9.28
CA TYR C 128 18.40 18.63 -8.57
C TYR C 128 17.25 19.62 -8.78
N PRO C 129 16.03 19.25 -8.36
CA PRO C 129 14.88 20.13 -8.54
C PRO C 129 15.07 21.52 -7.92
N THR C 130 15.88 21.58 -6.85
CA THR C 130 16.14 22.84 -6.16
C THR C 130 17.01 23.75 -7.01
N GLY C 131 17.87 23.14 -7.82
CA GLY C 131 18.76 23.92 -8.67
C GLY C 131 20.22 23.69 -8.32
N GLU C 132 20.44 23.03 -7.19
CA GLU C 132 21.80 22.74 -6.73
C GLU C 132 22.45 21.68 -7.63
N SER C 133 23.77 21.73 -7.75
CA SER C 133 24.49 20.77 -8.57
C SER C 133 24.54 19.38 -7.94
N LEU C 134 24.78 18.37 -8.75
CA LEU C 134 24.84 16.98 -8.28
C LEU C 134 25.95 16.76 -7.26
N VAL C 135 25.63 16.07 -6.18
CA VAL C 135 26.59 15.77 -5.11
C VAL C 135 27.04 14.31 -5.22
N TYR C 136 26.47 13.61 -6.18
CA TYR C 136 26.78 12.20 -6.45
C TYR C 136 26.25 11.84 -7.83
N SER C 137 26.97 10.99 -8.55
CA SER C 137 26.53 10.55 -9.87
C SER C 137 27.04 9.13 -10.11
N ASN C 138 26.35 8.40 -10.97
CA ASN C 138 26.73 7.04 -11.29
C ASN C 138 26.47 6.77 -12.77
N TRP C 139 26.96 7.67 -13.61
CA TRP C 139 26.80 7.59 -15.06
C TRP C 139 27.43 6.36 -15.69
N ALA C 140 26.70 5.75 -16.62
CA ALA C 140 27.20 4.59 -17.35
C ALA C 140 28.30 5.16 -18.24
N PRO C 141 29.22 4.30 -18.72
CA PRO C 141 30.30 4.78 -19.60
C PRO C 141 29.79 5.58 -20.79
N GLY C 142 30.38 6.75 -21.00
CA GLY C 142 29.99 7.59 -22.12
C GLY C 142 28.87 8.58 -21.87
N GLU C 143 28.14 8.38 -20.77
CA GLU C 143 27.02 9.25 -20.42
C GLU C 143 27.44 10.34 -19.45
N PRO C 144 26.73 11.49 -19.45
CA PRO C 144 25.59 11.82 -20.31
C PRO C 144 26.06 12.23 -21.70
N ASN C 145 25.32 11.84 -22.74
CA ASN C 145 25.74 12.17 -24.12
C ASN C 145 24.78 13.04 -24.93
N ASP C 146 23.69 13.48 -24.30
CA ASP C 146 22.69 14.32 -24.99
C ASP C 146 22.43 13.80 -26.41
N ASP C 147 22.19 12.50 -26.53
CA ASP C 147 21.94 11.89 -27.82
C ASP C 147 20.85 12.62 -28.61
N GLY C 148 21.14 12.86 -29.88
CA GLY C 148 20.19 13.56 -30.74
C GLY C 148 20.02 15.01 -30.33
N GLY C 149 20.84 15.45 -29.38
CA GLY C 149 20.76 16.82 -28.90
C GLY C 149 19.43 17.03 -28.18
N SER C 150 18.90 15.99 -27.56
CA SER C 150 17.62 16.12 -26.88
C SER C 150 17.40 15.23 -25.65
N GLU C 151 18.44 15.01 -24.86
CA GLU C 151 18.29 14.18 -23.67
C GLU C 151 18.61 15.03 -22.45
N ASP C 152 17.58 15.50 -21.75
CA ASP C 152 17.79 16.33 -20.58
C ASP C 152 17.34 15.70 -19.27
N CYS C 153 16.77 14.50 -19.35
CA CYS C 153 16.33 13.79 -18.17
C CYS C 153 17.29 12.63 -17.88
N VAL C 154 17.11 11.96 -16.74
CA VAL C 154 18.01 10.87 -16.36
C VAL C 154 17.27 9.62 -15.93
N GLU C 155 17.74 8.47 -16.39
CA GLU C 155 17.14 7.19 -16.03
C GLU C 155 18.19 6.32 -15.36
N ILE C 156 17.74 5.40 -14.51
CA ILE C 156 18.65 4.49 -13.83
C ILE C 156 18.30 3.08 -14.33
N PHE C 157 19.31 2.36 -14.80
CA PHE C 157 19.13 1.00 -15.32
C PHE C 157 19.09 -0.05 -14.21
N THR C 158 18.76 -1.28 -14.59
CA THR C 158 18.71 -2.38 -13.64
C THR C 158 20.10 -2.65 -13.06
N ASN C 159 21.14 -2.14 -13.72
CA ASN C 159 22.51 -2.33 -13.21
C ASN C 159 22.92 -1.16 -12.32
N GLY C 160 21.99 -0.25 -12.08
CA GLY C 160 22.23 0.90 -11.22
C GLY C 160 22.91 2.10 -11.86
N LYS C 161 23.42 1.92 -13.08
CA LYS C 161 24.08 3.01 -13.78
C LYS C 161 23.08 3.99 -14.38
N TRP C 162 23.50 5.24 -14.56
CA TRP C 162 22.62 6.28 -15.09
C TRP C 162 22.87 6.60 -16.57
N ASN C 163 21.83 7.07 -17.24
CA ASN C 163 21.90 7.47 -18.64
C ASN C 163 20.96 8.64 -18.86
N ASP C 164 21.40 9.68 -19.56
CA ASP C 164 20.48 10.78 -19.82
C ASP C 164 19.56 10.30 -20.93
N ARG C 165 18.27 10.61 -20.79
CA ARG C 165 17.24 10.15 -21.71
C ARG C 165 16.25 11.27 -22.02
N ALA C 166 15.57 11.17 -23.15
CA ALA C 166 14.59 12.18 -23.54
C ALA C 166 13.47 12.18 -22.50
N CYS C 167 13.16 13.37 -22.00
CA CYS C 167 12.12 13.52 -20.98
C CYS C 167 10.75 13.02 -21.41
N GLY C 168 10.51 13.00 -22.72
CA GLY C 168 9.22 12.55 -23.22
C GLY C 168 9.03 11.05 -23.22
N GLU C 169 10.11 10.30 -23.01
CA GLU C 169 10.03 8.84 -22.96
C GLU C 169 9.35 8.44 -21.65
N LYS C 170 8.78 7.25 -21.63
CA LYS C 170 8.09 6.74 -20.44
C LYS C 170 8.98 5.80 -19.64
N ARG C 171 9.15 6.09 -18.35
CA ARG C 171 9.98 5.26 -17.49
C ARG C 171 9.26 4.99 -16.17
N LEU C 172 9.76 4.03 -15.40
CA LEU C 172 9.16 3.68 -14.12
C LEU C 172 9.11 4.89 -13.19
N VAL C 173 7.97 5.11 -12.55
CA VAL C 173 7.82 6.22 -11.63
C VAL C 173 8.24 5.78 -10.22
N VAL C 174 9.25 6.44 -9.67
CA VAL C 174 9.70 6.14 -8.33
C VAL C 174 9.88 7.45 -7.61
N CYS C 175 9.21 7.60 -6.47
CA CYS C 175 9.31 8.84 -5.69
C CYS C 175 10.06 8.57 -4.40
N GLU C 176 10.54 9.64 -3.78
CA GLU C 176 11.24 9.51 -2.51
C GLU C 176 10.51 10.36 -1.49
N PHE C 177 10.48 9.86 -0.25
CA PHE C 177 9.81 10.53 0.86
C PHE C 177 10.73 10.55 2.08
#